data_4M80
#
_entry.id   4M80
#
_cell.length_a   59.985
_cell.length_b   65.331
_cell.length_c   96.884
_cell.angle_alpha   90.00
_cell.angle_beta   90.00
_cell.angle_gamma   90.00
#
_symmetry.space_group_name_H-M   'P 21 21 21'
#
loop_
_entity.id
_entity.type
_entity.pdbx_description
1 polymer EXO-1,3-BETA-GLUCANASE
2 water water
#
_entity_poly.entity_id   1
_entity_poly.type   'polypeptide(L)'
_entity_poly.pdbx_seq_one_letter_code
;GGHNVAWDYDNNVIRGVNLGGWFVLEPYMTPSLFEPFQNGNDQSGVPVDEYHWTQTLGKEAALRILQKHWSTWITEQDFK
QISNLGLNFVRIPIGYWAFQLLDNDPYVQGQVQYLEKALGWARKNNIRVWIDLHGAPGSQNGFDNSGLRDSYNFQNGDNT
QVTLNVLNTIFKKYGGNEYSDVVIGIELLNEPLGPVLNMDKLKQFFLDGYNSLRQTGSVTPVIIHDAFQVFGYWNNFLTV
AEGQWNVVVDHHHYQVFSGGELSRNINDHISVACNWGWDAKKESHWNVAGSWSAALTDCAKWLNGVNRGARYEGAYDNAP
YIGSCQPLLDISQWSDEHKTDTRRYIEAQLDAFEYTGGWVFWSWKTENAPEWSFQTLTYNGLFPQPVTDRQFPNQCGFH
;
_entity_poly.pdbx_strand_id   A
#
# COMPACT_ATOMS: atom_id res chain seq x y z
N TRP A 7 11.23 18.26 0.05
CA TRP A 7 10.03 18.22 -0.80
C TRP A 7 9.09 19.40 -0.53
N ASP A 8 8.50 19.93 -1.60
CA ASP A 8 7.53 21.01 -1.52
C ASP A 8 6.14 20.46 -1.84
N TYR A 9 5.37 20.10 -0.81
CA TYR A 9 4.04 19.52 -1.02
C TYR A 9 3.03 20.49 -1.64
N ASP A 10 3.36 21.77 -1.62
CA ASP A 10 2.51 22.80 -2.23
C ASP A 10 2.68 22.86 -3.75
N ASN A 11 3.91 22.61 -4.22
CA ASN A 11 4.24 22.84 -5.63
C ASN A 11 4.73 21.63 -6.40
N ASN A 12 5.12 20.57 -5.70
CA ASN A 12 5.56 19.34 -6.36
C ASN A 12 4.44 18.31 -6.40
N VAL A 13 4.47 17.41 -7.38
CA VAL A 13 3.48 16.35 -7.45
C VAL A 13 4.20 15.02 -7.29
N ILE A 14 3.72 14.18 -6.38
CA ILE A 14 4.33 12.87 -6.20
C ILE A 14 3.90 11.94 -7.34
N ARG A 15 4.87 11.29 -7.98
CA ARG A 15 4.60 10.28 -8.99
C ARG A 15 5.39 9.06 -8.61
N GLY A 16 4.75 8.09 -7.96
CA GLY A 16 5.52 7.03 -7.37
C GLY A 16 4.91 5.64 -7.47
N VAL A 17 5.64 4.67 -6.91
CA VAL A 17 5.17 3.31 -6.79
C VAL A 17 5.48 2.82 -5.41
N ASN A 18 4.65 1.88 -4.96
CA ASN A 18 4.89 1.14 -3.74
C ASN A 18 5.88 0.02 -3.99
N LEU A 19 6.73 -0.26 -3.02
CA LEU A 19 7.63 -1.41 -3.10
C LEU A 19 7.03 -2.52 -2.27
N GLY A 20 5.83 -2.95 -2.66
CA GLY A 20 5.09 -3.92 -1.88
C GLY A 20 5.59 -5.34 -2.09
N GLY A 21 5.24 -6.21 -1.14
CA GLY A 21 5.60 -7.62 -1.25
C GLY A 21 7.06 -7.87 -0.88
N TRP A 22 7.75 -6.82 -0.46
CA TRP A 22 9.20 -6.93 -0.22
C TRP A 22 9.46 -7.32 1.24
N PHE A 23 9.10 -6.44 2.18
CA PHE A 23 9.37 -6.68 3.59
C PHE A 23 8.15 -7.22 4.33
N VAL A 24 7.00 -7.22 3.65
CA VAL A 24 5.81 -7.87 4.20
C VAL A 24 5.24 -8.77 3.09
N LEU A 25 5.19 -10.07 3.32
CA LEU A 25 4.73 -10.99 2.28
C LEU A 25 3.24 -10.85 2.07
N GLU A 26 2.83 -10.83 0.80
CA GLU A 26 1.43 -10.85 0.45
C GLU A 26 1.22 -11.95 -0.56
N PRO A 27 0.42 -12.96 -0.22
CA PRO A 27 0.30 -14.17 -1.06
C PRO A 27 -0.05 -13.88 -2.51
N TYR A 28 -0.88 -12.88 -2.79
CA TYR A 28 -1.27 -12.66 -4.18
C TYR A 28 -0.13 -12.05 -4.99
N MET A 29 0.83 -11.43 -4.31
CA MET A 29 1.93 -10.75 -4.98
C MET A 29 3.10 -11.68 -5.27
N THR A 30 3.36 -12.61 -4.36
CA THR A 30 4.40 -13.63 -4.55
C THR A 30 3.83 -15.01 -4.26
N PRO A 31 2.93 -15.50 -5.13
CA PRO A 31 2.31 -16.80 -4.84
C PRO A 31 3.31 -17.96 -4.81
N SER A 32 4.46 -17.82 -5.47
CA SER A 32 5.42 -18.92 -5.53
C SER A 32 5.95 -19.30 -4.14
N LEU A 33 5.86 -18.37 -3.17
CA LEU A 33 6.35 -18.69 -1.84
C LEU A 33 5.30 -19.45 -1.02
N PHE A 34 4.04 -19.44 -1.47
CA PHE A 34 2.95 -20.06 -0.73
C PHE A 34 2.43 -21.33 -1.40
N GLU A 35 2.57 -21.39 -2.72
CA GLU A 35 2.09 -22.55 -3.50
C GLU A 35 2.70 -23.92 -3.14
N PRO A 36 3.96 -23.98 -2.65
CA PRO A 36 4.44 -25.32 -2.30
C PRO A 36 3.64 -25.99 -1.18
N PHE A 37 2.90 -25.21 -0.41
CA PHE A 37 2.07 -25.78 0.65
C PHE A 37 0.74 -26.34 0.18
N GLN A 38 0.42 -26.12 -1.09
CA GLN A 38 -0.79 -26.71 -1.64
C GLN A 38 -0.63 -28.22 -1.76
N ASN A 39 -1.71 -28.94 -1.49
CA ASN A 39 -1.77 -30.38 -1.67
C ASN A 39 -2.77 -30.69 -2.79
N GLY A 40 -2.24 -30.80 -4.02
CA GLY A 40 -3.11 -30.91 -5.18
C GLY A 40 -3.85 -29.62 -5.42
N ASN A 41 -5.18 -29.70 -5.42
CA ASN A 41 -6.03 -28.53 -5.59
C ASN A 41 -6.56 -28.04 -4.24
N ASP A 42 -6.14 -28.71 -3.17
CA ASP A 42 -6.53 -28.35 -1.82
C ASP A 42 -5.62 -27.25 -1.25
N GLN A 43 -6.23 -26.14 -0.85
CA GLN A 43 -5.48 -24.98 -0.34
C GLN A 43 -5.63 -24.85 1.16
N SER A 44 -6.29 -25.81 1.80
CA SER A 44 -6.58 -25.71 3.23
C SER A 44 -5.31 -25.71 4.11
N GLY A 45 -4.20 -26.22 3.58
CA GLY A 45 -2.93 -26.22 4.31
C GLY A 45 -1.95 -25.10 3.99
N VAL A 46 -2.36 -24.14 3.15
CA VAL A 46 -1.50 -23.01 2.80
C VAL A 46 -1.57 -21.97 3.92
N PRO A 47 -0.41 -21.56 4.46
CA PRO A 47 -0.35 -20.51 5.48
C PRO A 47 -1.02 -19.26 4.92
N VAL A 48 -1.80 -18.53 5.72
CA VAL A 48 -2.62 -17.46 5.15
C VAL A 48 -1.94 -16.10 5.19
N ASP A 49 -0.82 -16.00 5.90
CA ASP A 49 -0.16 -14.71 6.13
C ASP A 49 1.30 -14.91 6.54
N GLU A 50 2.08 -13.84 6.67
CA GLU A 50 3.49 -14.00 7.00
C GLU A 50 3.67 -14.60 8.39
N TYR A 51 2.77 -14.27 9.32
CA TYR A 51 2.82 -14.87 10.64
C TYR A 51 2.82 -16.39 10.54
N HIS A 52 1.84 -16.96 9.85
CA HIS A 52 1.70 -18.42 9.79
C HIS A 52 2.72 -19.08 8.87
N TRP A 53 3.16 -18.34 7.85
CA TRP A 53 4.19 -18.81 6.93
C TRP A 53 5.51 -18.98 7.66
N THR A 54 5.91 -17.99 8.46
CA THR A 54 7.16 -18.12 9.21
C THR A 54 7.05 -19.17 10.31
N GLN A 55 5.86 -19.28 10.90
CA GLN A 55 5.65 -20.23 12.00
C GLN A 55 5.69 -21.67 11.50
N THR A 56 5.08 -21.89 10.33
CA THR A 56 5.07 -23.23 9.72
C THR A 56 6.47 -23.66 9.28
N LEU A 57 7.26 -22.73 8.77
CA LEU A 57 8.58 -23.07 8.28
C LEU A 57 9.60 -23.24 9.39
N GLY A 58 9.42 -22.51 10.49
CA GLY A 58 10.44 -22.47 11.52
C GLY A 58 11.47 -21.40 11.18
N LYS A 59 12.24 -20.98 12.18
CA LYS A 59 13.10 -19.81 12.03
C LYS A 59 14.22 -19.99 11.02
N GLU A 60 14.84 -21.18 10.99
CA GLU A 60 15.96 -21.41 10.09
C GLU A 60 15.55 -21.38 8.62
N ALA A 61 14.48 -22.09 8.28
CA ALA A 61 14.01 -22.15 6.90
C ALA A 61 13.42 -20.80 6.48
N ALA A 62 12.68 -20.15 7.38
CA ALA A 62 12.08 -18.84 7.06
C ALA A 62 13.17 -17.83 6.72
N LEU A 63 14.21 -17.78 7.53
CA LEU A 63 15.28 -16.83 7.28
C LEU A 63 16.04 -17.15 5.98
N ARG A 64 16.29 -18.42 5.71
CA ARG A 64 16.99 -18.79 4.47
C ARG A 64 16.20 -18.34 3.23
N ILE A 65 14.90 -18.59 3.26
CA ILE A 65 14.04 -18.26 2.12
C ILE A 65 13.83 -16.75 1.99
N LEU A 66 13.64 -16.06 3.12
CA LEU A 66 13.46 -14.60 3.08
C LEU A 66 14.72 -13.83 2.69
N GLN A 67 15.90 -14.31 3.12
CA GLN A 67 17.14 -13.65 2.70
C GLN A 67 17.27 -13.65 1.18
N LYS A 68 16.86 -14.74 0.55
CA LYS A 68 16.95 -14.82 -0.90
C LYS A 68 15.92 -13.88 -1.52
N HIS A 69 14.72 -13.86 -0.94
CA HIS A 69 13.67 -12.96 -1.40
C HIS A 69 14.08 -11.50 -1.25
N TRP A 70 14.49 -11.10 -0.04
CA TRP A 70 14.88 -9.69 0.18
C TRP A 70 16.00 -9.25 -0.73
N SER A 71 16.92 -10.16 -1.04
CA SER A 71 18.08 -9.79 -1.83
C SER A 71 17.82 -9.78 -3.35
N THR A 72 16.68 -10.32 -3.79
CA THR A 72 16.40 -10.41 -5.23
C THR A 72 15.11 -9.72 -5.69
N TRP A 73 14.14 -9.54 -4.79
CA TRP A 73 12.83 -9.03 -5.22
C TRP A 73 12.95 -7.59 -5.76
N ILE A 74 13.65 -6.75 -5.00
CA ILE A 74 13.94 -5.39 -5.40
C ILE A 74 15.44 -5.19 -5.26
N THR A 75 16.07 -4.61 -6.27
CA THR A 75 17.52 -4.33 -6.21
C THR A 75 17.78 -2.92 -6.67
N GLU A 76 19.06 -2.54 -6.73
CA GLU A 76 19.40 -1.19 -7.18
C GLU A 76 18.95 -0.95 -8.61
N GLN A 77 18.93 -2.02 -9.42
CA GLN A 77 18.47 -1.90 -10.81
C GLN A 77 17.03 -1.41 -10.90
N ASP A 78 16.18 -1.85 -9.97
CA ASP A 78 14.78 -1.42 -9.96
C ASP A 78 14.67 0.08 -9.75
N PHE A 79 15.48 0.61 -8.84
CA PHE A 79 15.50 2.04 -8.58
C PHE A 79 15.95 2.83 -9.80
N LYS A 80 16.93 2.30 -10.53
CA LYS A 80 17.35 2.97 -11.75
C LYS A 80 16.19 2.97 -12.75
N GLN A 81 15.48 1.86 -12.87
CA GLN A 81 14.36 1.78 -13.82
C GLN A 81 13.20 2.69 -13.39
N ILE A 82 12.97 2.79 -12.08
CA ILE A 82 11.90 3.65 -11.57
C ILE A 82 12.19 5.11 -11.98
N SER A 83 13.44 5.54 -11.79
CA SER A 83 13.86 6.88 -12.18
C SER A 83 13.75 7.11 -13.70
N ASN A 84 14.16 6.11 -14.47
CA ASN A 84 14.12 6.22 -15.93
C ASN A 84 12.71 6.35 -16.50
N LEU A 85 11.72 5.81 -15.79
CA LEU A 85 10.34 5.89 -16.22
C LEU A 85 9.69 7.20 -15.81
N GLY A 86 10.45 8.10 -15.19
CA GLY A 86 9.95 9.40 -14.83
C GLY A 86 9.25 9.47 -13.48
N LEU A 87 9.45 8.46 -12.65
CA LEU A 87 8.90 8.45 -11.30
C LEU A 87 9.86 9.15 -10.34
N ASN A 88 9.32 9.73 -9.28
CA ASN A 88 10.16 10.50 -8.36
C ASN A 88 10.05 10.05 -6.91
N PHE A 89 9.39 8.93 -6.68
CA PHE A 89 9.00 8.60 -5.31
C PHE A 89 8.72 7.12 -5.14
N VAL A 90 9.09 6.58 -3.98
CA VAL A 90 8.64 5.24 -3.59
C VAL A 90 8.09 5.25 -2.16
N ARG A 91 7.08 4.40 -1.93
CA ARG A 91 6.56 4.15 -0.60
C ARG A 91 7.02 2.75 -0.18
N ILE A 92 7.62 2.63 1.00
CA ILE A 92 8.18 1.34 1.43
C ILE A 92 7.49 0.78 2.68
N PRO A 93 6.64 -0.24 2.49
CA PRO A 93 5.96 -0.89 3.62
C PRO A 93 6.94 -1.75 4.40
N ILE A 94 6.85 -1.69 5.73
CA ILE A 94 7.67 -2.55 6.58
C ILE A 94 6.85 -2.92 7.81
N GLY A 95 7.03 -4.13 8.34
CA GLY A 95 6.23 -4.55 9.49
C GLY A 95 6.93 -4.22 10.79
N TYR A 96 6.20 -4.23 11.91
CA TYR A 96 6.79 -3.88 13.20
C TYR A 96 7.91 -4.85 13.57
N TRP A 97 7.80 -6.09 13.09
CA TRP A 97 8.68 -7.17 13.52
C TRP A 97 10.11 -7.01 12.99
N ALA A 98 10.29 -6.13 12.03
CA ALA A 98 11.63 -5.81 11.56
C ALA A 98 12.40 -5.12 12.67
N PHE A 99 11.69 -4.51 13.61
CA PHE A 99 12.31 -3.70 14.65
C PHE A 99 12.20 -4.34 16.04
N GLN A 100 11.09 -5.02 16.29
CA GLN A 100 10.82 -5.55 17.63
CA GLN A 100 10.83 -5.55 17.63
C GLN A 100 9.92 -6.78 17.55
N LEU A 101 10.25 -7.82 18.30
CA LEU A 101 9.42 -9.03 18.33
C LEU A 101 8.64 -9.14 19.64
N LEU A 102 7.39 -9.57 19.58
CA LEU A 102 6.65 -9.90 20.80
C LEU A 102 7.18 -11.25 21.27
N ASP A 103 6.96 -11.58 22.55
CA ASP A 103 7.31 -12.90 23.03
C ASP A 103 6.53 -13.93 22.18
N ASN A 104 7.23 -14.95 21.71
CA ASN A 104 6.63 -16.00 20.89
C ASN A 104 6.22 -15.60 19.46
N ASP A 105 6.67 -14.44 18.98
CA ASP A 105 6.45 -14.08 17.58
C ASP A 105 7.30 -15.02 16.71
N PRO A 106 6.72 -15.54 15.62
CA PRO A 106 7.43 -16.47 14.74
C PRO A 106 8.28 -15.75 13.69
N TYR A 107 8.07 -14.45 13.54
CA TYR A 107 8.75 -13.67 12.53
C TYR A 107 10.26 -13.68 12.66
N VAL A 108 10.95 -13.53 11.53
CA VAL A 108 12.39 -13.38 11.53
C VAL A 108 12.73 -11.95 11.15
N GLN A 109 13.94 -11.53 11.48
CA GLN A 109 14.38 -10.16 11.23
C GLN A 109 15.50 -10.09 10.22
N GLY A 110 15.93 -8.87 9.91
CA GLY A 110 16.96 -8.69 8.91
C GLY A 110 16.51 -7.76 7.80
N GLN A 111 15.26 -7.32 7.84
CA GLN A 111 14.74 -6.40 6.81
C GLN A 111 15.47 -5.06 6.84
N VAL A 112 15.87 -4.63 8.03
CA VAL A 112 16.43 -3.28 8.19
C VAL A 112 17.68 -3.07 7.33
N GLN A 113 18.51 -4.10 7.20
CA GLN A 113 19.71 -3.92 6.40
C GLN A 113 19.37 -3.59 4.94
N TYR A 114 18.27 -4.15 4.44
CA TYR A 114 17.84 -3.89 3.07
C TYR A 114 17.12 -2.55 2.91
N LEU A 115 16.37 -2.17 3.94
CA LEU A 115 15.73 -0.86 3.97
C LEU A 115 16.80 0.22 3.85
N GLU A 116 17.88 0.07 4.59
CA GLU A 116 18.96 1.06 4.55
C GLU A 116 19.72 1.06 3.22
N LYS A 117 19.90 -0.10 2.61
CA LYS A 117 20.38 -0.14 1.22
C LYS A 117 19.42 0.62 0.31
N ALA A 118 18.12 0.40 0.47
CA ALA A 118 17.14 1.05 -0.41
C ALA A 118 17.19 2.57 -0.29
N LEU A 119 17.47 3.07 0.91
CA LEU A 119 17.50 4.51 1.11
C LEU A 119 18.70 5.07 0.36
N GLY A 120 19.78 4.31 0.32
CA GLY A 120 20.95 4.72 -0.45
C GLY A 120 20.69 4.69 -1.94
N TRP A 121 19.94 3.67 -2.39
CA TRP A 121 19.61 3.58 -3.81
C TRP A 121 18.71 4.73 -4.22
N ALA A 122 17.77 5.08 -3.34
CA ALA A 122 16.89 6.23 -3.55
C ALA A 122 17.71 7.51 -3.73
N ARG A 123 18.62 7.75 -2.79
CA ARG A 123 19.46 8.93 -2.84
C ARG A 123 20.23 9.04 -4.16
N LYS A 124 20.87 7.94 -4.58
CA LYS A 124 21.65 7.93 -5.82
C LYS A 124 20.82 8.23 -7.05
N ASN A 125 19.56 7.82 -7.03
CA ASN A 125 18.69 7.98 -8.20
C ASN A 125 17.68 9.11 -8.05
N ASN A 126 17.91 10.01 -7.11
CA ASN A 126 17.06 11.18 -6.89
C ASN A 126 15.58 10.82 -6.63
N ILE A 127 15.36 9.78 -5.84
CA ILE A 127 14.02 9.36 -5.50
C ILE A 127 13.76 9.67 -4.02
N ARG A 128 12.56 10.14 -3.70
CA ARG A 128 12.19 10.48 -2.32
C ARG A 128 11.35 9.34 -1.76
N VAL A 129 11.19 9.27 -0.45
CA VAL A 129 10.67 8.04 0.16
C VAL A 129 9.67 8.34 1.29
N TRP A 130 8.62 7.52 1.40
CA TRP A 130 7.92 7.38 2.68
C TRP A 130 8.26 6.04 3.26
N ILE A 131 8.55 6.00 4.55
CA ILE A 131 8.60 4.74 5.25
C ILE A 131 7.22 4.55 5.90
N ASP A 132 6.61 3.38 5.68
CA ASP A 132 5.24 3.13 6.07
C ASP A 132 5.21 1.94 7.02
N LEU A 133 4.72 2.12 8.25
CA LEU A 133 4.58 0.99 9.15
C LEU A 133 3.30 0.24 8.77
N HIS A 134 3.48 -0.91 8.14
CA HIS A 134 2.40 -1.59 7.43
C HIS A 134 1.67 -2.60 8.32
N GLY A 135 2.34 -3.06 9.38
CA GLY A 135 1.75 -4.03 10.27
C GLY A 135 2.07 -3.73 11.72
N ALA A 136 1.04 -3.67 12.56
CA ALA A 136 1.22 -3.44 13.99
C ALA A 136 0.92 -4.72 14.77
N PRO A 137 1.52 -4.86 15.96
CA PRO A 137 1.26 -6.06 16.76
C PRO A 137 -0.23 -6.25 17.03
N GLY A 138 -0.73 -7.46 16.81
CA GLY A 138 -2.13 -7.77 17.06
C GLY A 138 -2.98 -7.51 15.83
N SER A 139 -2.41 -6.77 14.88
CA SER A 139 -3.08 -6.34 13.63
C SER A 139 -4.10 -5.22 13.81
N GLN A 140 -3.98 -4.21 12.96
CA GLN A 140 -4.83 -3.03 12.96
C GLN A 140 -5.99 -3.17 11.98
N ASN A 141 -6.07 -4.28 11.24
CA ASN A 141 -7.14 -4.41 10.25
C ASN A 141 -7.56 -5.83 9.88
N GLY A 142 -6.86 -6.84 10.39
CA GLY A 142 -7.15 -8.21 10.00
C GLY A 142 -6.84 -8.59 8.56
N PHE A 143 -6.10 -7.74 7.84
CA PHE A 143 -5.76 -8.06 6.44
C PHE A 143 -4.49 -8.89 6.45
N ASP A 144 -4.29 -9.75 5.44
CA ASP A 144 -3.06 -10.53 5.42
C ASP A 144 -1.82 -9.62 5.28
N ASN A 145 -2.01 -8.47 4.65
CA ASN A 145 -0.90 -7.52 4.47
C ASN A 145 -0.47 -6.80 5.76
N SER A 146 -1.20 -7.01 6.86
CA SER A 146 -0.74 -6.52 8.18
C SER A 146 0.21 -7.52 8.80
N GLY A 147 0.29 -8.70 8.19
CA GLY A 147 1.10 -9.79 8.72
C GLY A 147 0.25 -10.85 9.38
N LEU A 148 -0.92 -10.45 9.88
CA LEU A 148 -1.76 -11.35 10.67
C LEU A 148 -3.23 -11.23 10.26
N ARG A 149 -3.73 -12.21 9.54
CA ARG A 149 -5.08 -12.12 8.98
C ARG A 149 -6.14 -12.44 10.04
N ASP A 150 -7.30 -11.81 9.92
CA ASP A 150 -8.50 -12.17 10.70
C ASP A 150 -8.39 -11.91 12.20
N SER A 151 -7.46 -11.04 12.60
CA SER A 151 -7.33 -10.62 14.00
CA SER A 151 -7.33 -10.62 14.00
C SER A 151 -7.38 -9.10 14.04
N TYR A 152 -7.95 -8.54 15.11
CA TYR A 152 -8.12 -7.09 15.22
C TYR A 152 -7.76 -6.60 16.62
N ASN A 153 -6.52 -6.85 17.04
CA ASN A 153 -6.16 -6.61 18.44
C ASN A 153 -5.15 -5.49 18.70
N PHE A 154 -4.92 -4.66 17.69
CA PHE A 154 -4.04 -3.50 17.80
C PHE A 154 -4.33 -2.64 19.04
N GLN A 155 -5.60 -2.47 19.38
CA GLN A 155 -5.98 -1.60 20.51
C GLN A 155 -6.19 -2.37 21.82
N ASN A 156 -5.81 -3.63 21.83
CA ASN A 156 -5.96 -4.42 23.04
CA ASN A 156 -5.96 -4.48 23.00
C ASN A 156 -4.62 -4.67 23.71
N GLY A 157 -4.65 -4.87 25.03
CA GLY A 157 -3.44 -5.07 25.79
C GLY A 157 -2.44 -3.93 25.65
N ASP A 158 -1.17 -4.28 25.46
CA ASP A 158 -0.09 -3.31 25.30
CA ASP A 158 -0.17 -3.23 25.28
C ASP A 158 0.30 -3.11 23.82
N ASN A 159 -0.52 -3.61 22.91
CA ASN A 159 -0.16 -3.56 21.49
C ASN A 159 0.02 -2.14 20.95
N THR A 160 -0.78 -1.19 21.42
CA THR A 160 -0.63 0.21 20.97
C THR A 160 0.67 0.79 21.49
N GLN A 161 1.01 0.50 22.75
CA GLN A 161 2.25 0.97 23.35
C GLN A 161 3.47 0.39 22.65
N VAL A 162 3.42 -0.90 22.30
CA VAL A 162 4.50 -1.52 21.54
C VAL A 162 4.66 -0.82 20.19
N THR A 163 3.53 -0.49 19.57
CA THR A 163 3.58 0.16 18.26
C THR A 163 4.26 1.54 18.36
N LEU A 164 3.91 2.28 19.41
CA LEU A 164 4.55 3.59 19.63
C LEU A 164 6.05 3.46 19.89
N ASN A 165 6.46 2.38 20.56
CA ASN A 165 7.87 2.15 20.80
C ASN A 165 8.61 1.84 19.50
N VAL A 166 7.99 1.04 18.64
CA VAL A 166 8.55 0.76 17.31
C VAL A 166 8.62 2.06 16.50
N LEU A 167 7.58 2.90 16.57
CA LEU A 167 7.63 4.18 15.88
C LEU A 167 8.76 5.07 16.40
N ASN A 168 9.01 5.07 17.71
CA ASN A 168 10.11 5.86 18.23
C ASN A 168 11.45 5.45 17.66
N THR A 169 11.63 4.15 17.46
CA THR A 169 12.86 3.64 16.86
C THR A 169 13.01 4.12 15.43
N ILE A 170 11.92 4.03 14.67
CA ILE A 170 11.89 4.53 13.30
C ILE A 170 12.13 6.05 13.29
N PHE A 171 11.53 6.77 14.23
CA PHE A 171 11.70 8.23 14.28
C PHE A 171 13.17 8.59 14.49
N LYS A 172 13.83 7.91 15.42
CA LYS A 172 15.23 8.23 15.71
C LYS A 172 16.18 7.81 14.60
N LYS A 173 15.90 6.68 13.96
CA LYS A 173 16.78 6.21 12.89
C LYS A 173 16.60 6.95 11.57
N TYR A 174 15.35 7.25 11.20
CA TYR A 174 15.08 7.72 9.84
C TYR A 174 14.41 9.09 9.77
N GLY A 175 14.13 9.69 10.92
CA GLY A 175 13.47 10.99 10.93
C GLY A 175 14.42 12.14 11.20
N GLY A 176 15.71 11.84 11.25
CA GLY A 176 16.69 12.85 11.60
C GLY A 176 17.49 13.35 10.43
N ASN A 177 18.64 13.97 10.74
CA ASN A 177 19.43 14.63 9.71
C ASN A 177 20.05 13.67 8.70
N GLU A 178 20.29 12.43 9.09
CA GLU A 178 20.99 11.48 8.21
C GLU A 178 20.27 11.24 6.89
N TYR A 179 18.95 11.29 6.93
CA TYR A 179 18.16 10.93 5.76
C TYR A 179 17.19 12.03 5.33
N SER A 180 17.46 13.24 5.80
CA SER A 180 16.58 14.40 5.55
C SER A 180 16.47 14.75 4.07
N ASP A 181 17.39 14.25 3.26
CA ASP A 181 17.35 14.50 1.82
C ASP A 181 16.60 13.43 1.04
N VAL A 182 16.19 12.36 1.72
CA VAL A 182 15.55 11.22 1.04
C VAL A 182 14.17 10.94 1.60
N VAL A 183 14.06 10.92 2.92
CA VAL A 183 12.80 10.58 3.58
C VAL A 183 11.91 11.82 3.65
N ILE A 184 10.77 11.80 2.96
CA ILE A 184 9.84 12.93 3.01
C ILE A 184 8.52 12.60 3.71
N GLY A 185 8.52 11.52 4.47
CA GLY A 185 7.31 11.18 5.21
C GLY A 185 7.52 9.89 5.98
N ILE A 186 7.02 9.87 7.21
CA ILE A 186 6.92 8.61 7.96
C ILE A 186 5.43 8.36 8.19
N GLU A 187 4.93 7.23 7.69
CA GLU A 187 3.49 6.95 7.79
C GLU A 187 3.26 6.09 9.02
N LEU A 188 2.51 6.63 9.99
CA LEU A 188 2.39 6.01 11.30
C LEU A 188 1.78 4.61 11.28
N LEU A 189 0.79 4.38 10.42
CA LEU A 189 0.10 3.09 10.39
C LEU A 189 -0.70 2.90 9.11
N ASN A 190 -0.41 1.82 8.39
CA ASN A 190 -1.15 1.56 7.15
C ASN A 190 -2.55 1.02 7.46
N GLU A 191 -3.55 1.63 6.80
CA GLU A 191 -4.94 1.14 6.79
C GLU A 191 -5.50 0.61 8.12
N PRO A 192 -5.51 1.44 9.18
CA PRO A 192 -6.24 0.95 10.35
C PRO A 192 -7.71 0.83 9.99
N LEU A 193 -8.36 -0.26 10.36
CA LEU A 193 -9.72 -0.49 9.89
C LEU A 193 -10.70 0.28 10.77
N GLY A 194 -10.89 1.57 10.46
CA GLY A 194 -11.78 2.43 11.23
C GLY A 194 -13.07 1.85 11.81
N PRO A 195 -13.89 1.19 10.96
CA PRO A 195 -15.18 0.68 11.44
C PRO A 195 -15.13 -0.30 12.60
N VAL A 196 -14.00 -0.97 12.83
CA VAL A 196 -13.94 -1.94 13.93
C VAL A 196 -13.04 -1.46 15.07
N LEU A 197 -12.52 -0.25 14.94
CA LEU A 197 -11.64 0.30 15.96
C LEU A 197 -12.38 1.37 16.79
N ASN A 198 -11.81 1.73 17.94
CA ASN A 198 -12.27 2.88 18.69
C ASN A 198 -11.57 4.10 18.08
N MET A 199 -12.33 5.00 17.46
CA MET A 199 -11.72 6.11 16.72
C MET A 199 -11.07 7.16 17.62
N ASP A 200 -11.60 7.32 18.83
CA ASP A 200 -11.00 8.24 19.78
C ASP A 200 -9.63 7.76 20.21
N LYS A 201 -9.48 6.45 20.37
CA LYS A 201 -8.18 5.92 20.76
C LYS A 201 -7.21 5.95 19.58
N LEU A 202 -7.73 5.77 18.37
CA LEU A 202 -6.88 5.86 17.17
C LEU A 202 -6.35 7.29 17.00
N LYS A 203 -7.20 8.29 17.24
CA LYS A 203 -6.77 9.67 17.16
C LYS A 203 -5.71 9.99 18.19
N GLN A 204 -5.85 9.43 19.40
CA GLN A 204 -4.87 9.67 20.45
C GLN A 204 -3.52 9.05 20.05
N PHE A 205 -3.56 7.89 19.43
CA PHE A 205 -2.36 7.24 18.92
C PHE A 205 -1.66 8.10 17.85
N PHE A 206 -2.43 8.68 16.93
CA PHE A 206 -1.84 9.51 15.88
C PHE A 206 -1.21 10.73 16.52
N LEU A 207 -1.91 11.30 17.50
CA LEU A 207 -1.42 12.49 18.20
C LEU A 207 -0.12 12.18 18.95
N ASP A 208 -0.09 11.05 19.66
CA ASP A 208 1.13 10.66 20.39
C ASP A 208 2.30 10.42 19.43
N GLY A 209 2.03 9.83 18.27
CA GLY A 209 3.09 9.59 17.30
C GLY A 209 3.60 10.91 16.72
N TYR A 210 2.66 11.80 16.38
CA TYR A 210 3.03 13.14 15.91
C TYR A 210 3.90 13.85 16.94
N ASN A 211 3.45 13.91 18.18
CA ASN A 211 4.20 14.62 19.21
C ASN A 211 5.58 14.01 19.48
N SER A 212 5.66 12.67 19.52
CA SER A 212 6.94 11.99 19.76
C SER A 212 7.96 12.30 18.66
N LEU A 213 7.49 12.32 17.42
CA LEU A 213 8.37 12.64 16.29
C LEU A 213 8.94 14.06 16.42
N ARG A 214 8.06 15.03 16.65
CA ARG A 214 8.48 16.42 16.69
C ARG A 214 9.39 16.63 17.89
N GLN A 215 9.14 15.88 18.95
CA GLN A 215 9.97 16.01 20.16
C GLN A 215 11.43 15.58 19.98
N THR A 216 11.70 14.75 18.97
CA THR A 216 13.09 14.36 18.64
C THR A 216 13.83 15.43 17.85
N GLY A 217 13.11 16.49 17.49
CA GLY A 217 13.71 17.55 16.70
C GLY A 217 13.50 17.29 15.22
N SER A 218 12.70 16.28 14.89
CA SER A 218 12.46 15.97 13.48
C SER A 218 11.45 16.92 12.85
N VAL A 219 11.70 17.31 11.60
CA VAL A 219 10.76 18.15 10.86
C VAL A 219 10.13 17.35 9.71
N THR A 220 10.37 16.04 9.71
CA THR A 220 9.80 15.13 8.71
C THR A 220 8.27 15.17 8.72
N PRO A 221 7.64 15.20 7.52
CA PRO A 221 6.18 15.11 7.47
C PRO A 221 5.65 13.83 8.11
N VAL A 222 4.53 13.98 8.84
CA VAL A 222 3.81 12.83 9.40
C VAL A 222 2.68 12.49 8.44
N ILE A 223 2.63 11.23 8.00
CA ILE A 223 1.58 10.78 7.08
C ILE A 223 0.57 9.99 7.89
N ILE A 224 -0.71 10.38 7.85
CA ILE A 224 -1.74 9.56 8.50
C ILE A 224 -2.64 8.97 7.43
N HIS A 225 -2.89 7.67 7.53
CA HIS A 225 -3.86 7.05 6.61
C HIS A 225 -5.29 7.40 7.06
N ASP A 226 -6.22 7.52 6.11
CA ASP A 226 -7.54 8.06 6.42
C ASP A 226 -8.45 7.13 7.22
N ALA A 227 -7.97 5.90 7.48
CA ALA A 227 -8.70 4.88 8.25
C ALA A 227 -10.06 4.57 7.66
N PHE A 228 -10.16 4.72 6.34
CA PHE A 228 -11.38 4.43 5.59
C PHE A 228 -12.54 5.34 5.95
N GLN A 229 -12.23 6.52 6.48
CA GLN A 229 -13.27 7.51 6.79
C GLN A 229 -13.66 8.32 5.55
N VAL A 230 -14.82 8.98 5.60
CA VAL A 230 -15.28 9.79 4.47
C VAL A 230 -14.34 10.96 4.22
N PHE A 231 -14.33 11.47 2.99
CA PHE A 231 -13.54 12.64 2.66
C PHE A 231 -13.88 13.77 3.61
N GLY A 232 -12.87 14.49 4.08
CA GLY A 232 -13.07 15.64 4.95
C GLY A 232 -13.06 15.35 6.44
N TYR A 233 -13.17 14.07 6.79
CA TYR A 233 -13.22 13.64 8.19
C TYR A 233 -12.04 14.18 9.00
N TRP A 234 -10.87 14.23 8.36
CA TRP A 234 -9.67 14.60 9.10
C TRP A 234 -9.35 16.09 9.03
N ASN A 235 -10.28 16.88 8.50
CA ASN A 235 -10.02 18.30 8.31
C ASN A 235 -9.68 19.04 9.60
N ASN A 236 -10.31 18.66 10.71
CA ASN A 236 -10.14 19.36 11.98
CA ASN A 236 -10.10 19.39 11.95
C ASN A 236 -9.17 18.69 12.93
N PHE A 237 -8.32 17.79 12.41
CA PHE A 237 -7.38 17.04 13.23
C PHE A 237 -5.95 17.38 12.80
N LEU A 238 -5.05 17.59 13.77
CA LEU A 238 -3.65 17.96 13.48
C LEU A 238 -3.59 19.19 12.59
N THR A 239 -4.06 20.32 13.11
CA THR A 239 -4.20 21.51 12.29
C THR A 239 -3.21 22.62 12.63
N VAL A 240 -2.98 23.48 11.65
CA VAL A 240 -2.13 24.65 11.79
C VAL A 240 -2.57 25.54 12.96
N ALA A 241 -3.87 25.74 13.10
CA ALA A 241 -4.42 26.54 14.19
C ALA A 241 -4.02 26.02 15.59
N GLU A 242 -3.65 24.74 15.66
CA GLU A 242 -3.25 24.14 16.92
C GLU A 242 -1.74 23.90 16.93
N GLY A 243 -1.03 24.54 16.02
CA GLY A 243 0.42 24.44 15.97
C GLY A 243 0.97 23.10 15.48
N GLN A 244 0.12 22.33 14.82
CA GLN A 244 0.53 21.02 14.29
C GLN A 244 0.75 21.15 12.79
N TRP A 245 1.95 20.78 12.31
CA TRP A 245 2.36 21.17 10.96
C TRP A 245 3.14 20.05 10.26
N ASN A 246 3.25 20.15 8.93
CA ASN A 246 3.80 19.09 8.10
C ASN A 246 3.07 17.76 8.28
N VAL A 247 1.77 17.78 7.97
CA VAL A 247 0.91 16.61 8.09
C VAL A 247 0.29 16.35 6.73
N VAL A 248 0.32 15.09 6.30
CA VAL A 248 -0.27 14.71 5.01
C VAL A 248 -1.26 13.59 5.24
N VAL A 249 -2.40 13.63 4.55
CA VAL A 249 -3.36 12.52 4.61
C VAL A 249 -3.16 11.58 3.42
N ASP A 250 -3.10 10.28 3.71
CA ASP A 250 -2.93 9.25 2.68
C ASP A 250 -4.29 8.61 2.44
N HIS A 251 -4.83 8.76 1.22
CA HIS A 251 -6.10 8.12 0.85
C HIS A 251 -5.80 6.93 -0.06
N HIS A 252 -6.47 5.80 0.17
CA HIS A 252 -6.34 4.66 -0.75
C HIS A 252 -7.64 4.52 -1.53
N HIS A 253 -7.56 4.06 -2.78
CA HIS A 253 -8.75 4.06 -3.64
C HIS A 253 -8.78 2.85 -4.55
N TYR A 254 -9.85 2.08 -4.46
CA TYR A 254 -10.08 0.96 -5.39
C TYR A 254 -11.57 0.86 -5.70
N GLN A 255 -11.91 0.09 -6.73
CA GLN A 255 -13.30 -0.13 -7.09
C GLN A 255 -13.52 -1.61 -7.35
N VAL A 256 -12.87 -2.47 -6.57
CA VAL A 256 -12.98 -3.90 -6.84
C VAL A 256 -13.35 -4.76 -5.64
N PHE A 257 -13.53 -4.15 -4.47
CA PHE A 257 -13.72 -4.97 -3.26
C PHE A 257 -15.15 -5.07 -2.76
N SER A 258 -16.12 -4.89 -3.65
CA SER A 258 -17.50 -5.20 -3.33
C SER A 258 -18.23 -5.49 -4.63
N GLY A 259 -19.34 -6.21 -4.55
CA GLY A 259 -20.13 -6.55 -5.72
C GLY A 259 -20.64 -5.32 -6.44
N GLY A 260 -21.12 -4.34 -5.68
CA GLY A 260 -21.65 -3.12 -6.25
C GLY A 260 -20.61 -2.32 -7.04
N GLU A 261 -19.38 -2.26 -6.54
CA GLU A 261 -18.34 -1.53 -7.25
C GLU A 261 -17.94 -2.25 -8.53
N LEU A 262 -17.83 -3.58 -8.45
CA LEU A 262 -17.43 -4.38 -9.61
C LEU A 262 -18.45 -4.30 -10.76
N SER A 263 -19.71 -4.12 -10.40
CA SER A 263 -20.79 -4.14 -11.39
C SER A 263 -20.96 -2.84 -12.19
N ARG A 264 -20.24 -1.79 -11.80
CA ARG A 264 -20.30 -0.53 -12.55
C ARG A 264 -19.80 -0.72 -13.98
N ASN A 265 -20.40 -0.03 -14.93
CA ASN A 265 -19.85 0.00 -16.28
C ASN A 265 -18.62 0.90 -16.32
N ILE A 266 -17.84 0.86 -17.39
CA ILE A 266 -16.60 1.62 -17.42
C ILE A 266 -16.84 3.11 -17.24
N ASN A 267 -17.95 3.63 -17.76
CA ASN A 267 -18.20 5.07 -17.62
C ASN A 267 -18.39 5.48 -16.16
N ASP A 268 -19.12 4.67 -15.41
CA ASP A 268 -19.35 4.92 -13.98
C ASP A 268 -18.07 4.74 -13.14
N HIS A 269 -17.23 3.79 -13.52
CA HIS A 269 -15.90 3.65 -12.88
C HIS A 269 -15.11 4.95 -13.03
N ILE A 270 -15.18 5.54 -14.22
CA ILE A 270 -14.46 6.79 -14.48
C ILE A 270 -15.05 7.98 -13.69
N SER A 271 -16.38 8.05 -13.65
CA SER A 271 -17.05 9.11 -12.90
C SER A 271 -16.64 9.07 -11.43
N VAL A 272 -16.57 7.87 -10.87
CA VAL A 272 -16.16 7.69 -9.48
C VAL A 272 -14.71 8.15 -9.28
N ALA A 273 -13.85 7.78 -10.21
CA ALA A 273 -12.45 8.18 -10.14
C ALA A 273 -12.32 9.70 -10.19
N CYS A 274 -13.09 10.34 -11.08
CA CYS A 274 -13.02 11.81 -11.17
C CYS A 274 -13.50 12.42 -9.87
N ASN A 275 -14.53 11.83 -9.28
CA ASN A 275 -15.09 12.39 -8.05
C ASN A 275 -14.11 12.29 -6.88
N TRP A 276 -13.24 11.27 -6.88
CA TRP A 276 -12.18 11.22 -5.86
C TRP A 276 -11.36 12.50 -5.94
N GLY A 277 -11.08 12.96 -7.15
CA GLY A 277 -10.30 14.17 -7.34
C GLY A 277 -11.01 15.42 -6.85
N TRP A 278 -12.27 15.58 -7.23
CA TRP A 278 -13.04 16.74 -6.79
C TRP A 278 -13.17 16.81 -5.27
N ASP A 279 -13.41 15.67 -4.62
CA ASP A 279 -13.59 15.67 -3.16
C ASP A 279 -12.28 15.87 -2.40
N ALA A 280 -11.20 15.26 -2.89
CA ALA A 280 -9.91 15.45 -2.23
C ALA A 280 -9.48 16.92 -2.27
N LYS A 281 -9.83 17.61 -3.36
CA LYS A 281 -9.45 19.03 -3.53
C LYS A 281 -10.04 19.91 -2.44
N LYS A 282 -11.20 19.50 -1.92
CA LYS A 282 -11.90 20.28 -0.90
C LYS A 282 -11.28 20.14 0.50
N GLU A 283 -10.43 19.14 0.69
CA GLU A 283 -9.90 18.87 2.04
C GLU A 283 -8.87 19.90 2.48
N SER A 284 -8.69 20.06 3.77
CA SER A 284 -7.81 21.11 4.28
C SER A 284 -6.36 20.68 4.52
N HIS A 285 -6.07 19.38 4.43
CA HIS A 285 -4.70 18.88 4.49
C HIS A 285 -4.19 18.52 3.11
N TRP A 286 -2.88 18.67 2.92
CA TRP A 286 -2.19 18.04 1.78
C TRP A 286 -2.56 16.58 1.79
N ASN A 287 -2.73 16.00 0.63
CA ASN A 287 -3.13 14.60 0.60
C ASN A 287 -2.60 13.94 -0.64
N VAL A 288 -2.29 12.65 -0.51
CA VAL A 288 -1.70 11.88 -1.61
C VAL A 288 -2.45 10.57 -1.69
N ALA A 289 -2.70 10.09 -2.91
CA ALA A 289 -3.28 8.77 -3.09
C ALA A 289 -2.19 7.71 -2.99
N GLY A 290 -1.98 7.17 -1.78
CA GLY A 290 -0.80 6.34 -1.52
C GLY A 290 -0.92 4.89 -1.94
N SER A 291 -2.10 4.49 -2.40
CA SER A 291 -2.29 3.14 -2.90
C SER A 291 -3.53 3.10 -3.78
N TRP A 292 -3.38 2.56 -4.99
CA TRP A 292 -4.46 2.44 -5.97
C TRP A 292 -3.90 1.52 -7.05
N SER A 293 -4.74 1.06 -7.97
CA SER A 293 -4.20 0.23 -9.06
C SER A 293 -5.02 0.32 -10.33
N ALA A 294 -4.72 -0.55 -11.29
CA ALA A 294 -5.46 -0.56 -12.54
C ALA A 294 -6.58 -1.58 -12.55
N ALA A 295 -6.74 -2.29 -11.43
CA ALA A 295 -7.70 -3.41 -11.38
C ALA A 295 -9.16 -2.98 -11.52
N LEU A 296 -9.86 -3.65 -12.44
CA LEU A 296 -11.30 -3.51 -12.59
C LEU A 296 -12.01 -4.81 -12.18
N THR A 297 -11.22 -5.79 -11.74
CA THR A 297 -11.75 -7.06 -11.21
C THR A 297 -11.00 -7.40 -9.93
N ASP A 298 -11.53 -8.32 -9.14
CA ASP A 298 -10.75 -8.91 -8.05
C ASP A 298 -10.29 -10.32 -8.41
N CYS A 299 -9.91 -10.52 -9.68
CA CYS A 299 -9.56 -11.86 -10.19
C CYS A 299 -8.20 -12.42 -9.82
N ALA A 300 -7.26 -11.55 -9.44
CA ALA A 300 -5.91 -12.02 -9.13
C ALA A 300 -5.97 -13.10 -8.07
N LYS A 301 -5.27 -14.21 -8.28
CA LYS A 301 -5.34 -15.34 -7.35
C LYS A 301 -4.98 -14.89 -5.94
N TRP A 302 -5.86 -15.21 -4.97
CA TRP A 302 -5.64 -14.88 -3.56
C TRP A 302 -5.64 -13.38 -3.21
N LEU A 303 -6.11 -12.53 -4.11
CA LEU A 303 -6.23 -11.09 -3.79
C LEU A 303 -7.04 -10.88 -2.51
N ASN A 304 -8.12 -11.65 -2.36
CA ASN A 304 -8.99 -11.53 -1.18
C ASN A 304 -8.48 -12.32 0.01
N GLY A 305 -7.42 -13.08 -0.22
CA GLY A 305 -6.81 -13.89 0.83
C GLY A 305 -6.60 -15.31 0.34
N VAL A 306 -5.61 -15.98 0.91
CA VAL A 306 -5.42 -17.41 0.63
C VAL A 306 -6.72 -18.18 0.86
N ASN A 307 -7.04 -19.09 -0.07
CA ASN A 307 -8.23 -19.93 0.01
C ASN A 307 -9.55 -19.16 -0.06
N ARG A 308 -9.52 -17.97 -0.67
CA ARG A 308 -10.74 -17.23 -0.96
C ARG A 308 -10.78 -16.94 -2.46
N GLY A 309 -11.98 -16.99 -3.03
CA GLY A 309 -12.14 -16.78 -4.46
C GLY A 309 -12.40 -15.33 -4.81
N ALA A 310 -12.91 -15.12 -6.03
CA ALA A 310 -13.17 -13.78 -6.55
C ALA A 310 -14.66 -13.47 -6.59
N ARG A 311 -15.03 -12.26 -6.16
CA ARG A 311 -16.40 -11.80 -6.33
C ARG A 311 -16.77 -11.71 -7.80
N TYR A 312 -15.79 -11.38 -8.65
CA TYR A 312 -16.06 -11.14 -10.07
C TYR A 312 -16.76 -12.31 -10.76
N GLU A 313 -16.43 -13.52 -10.34
CA GLU A 313 -17.06 -14.68 -10.95
C GLU A 313 -18.04 -15.36 -9.99
N GLY A 314 -18.56 -14.58 -9.04
CA GLY A 314 -19.57 -15.05 -8.10
C GLY A 314 -19.09 -16.12 -7.15
N ALA A 315 -17.84 -16.02 -6.72
CA ALA A 315 -17.24 -17.08 -5.91
C ALA A 315 -16.78 -16.62 -4.53
N TYR A 316 -17.21 -15.43 -4.13
CA TYR A 316 -16.85 -14.90 -2.81
C TYR A 316 -17.81 -13.79 -2.41
N ASP A 317 -18.04 -13.63 -1.10
CA ASP A 317 -18.74 -12.47 -0.55
C ASP A 317 -20.18 -12.39 -1.06
N ASN A 318 -20.75 -13.53 -1.44
CA ASN A 318 -22.08 -13.61 -2.04
C ASN A 318 -22.33 -12.67 -3.22
N ALA A 319 -21.30 -12.44 -4.03
CA ALA A 319 -21.43 -11.54 -5.17
C ALA A 319 -22.04 -12.28 -6.35
N PRO A 320 -22.79 -11.56 -7.20
CA PRO A 320 -23.30 -12.21 -8.41
C PRO A 320 -22.17 -12.42 -9.42
N TYR A 321 -22.25 -13.47 -10.22
CA TYR A 321 -21.30 -13.70 -11.30
C TYR A 321 -21.34 -12.53 -12.28
N ILE A 322 -20.17 -11.97 -12.61
CA ILE A 322 -20.08 -10.95 -13.65
C ILE A 322 -19.40 -11.53 -14.88
N GLY A 323 -18.26 -12.16 -14.70
CA GLY A 323 -17.55 -12.79 -15.80
C GLY A 323 -16.51 -13.76 -15.30
N SER A 324 -15.96 -14.58 -16.20
CA SER A 324 -14.99 -15.57 -15.78
C SER A 324 -13.62 -14.92 -15.58
N CYS A 325 -12.89 -15.33 -14.53
CA CYS A 325 -11.59 -14.73 -14.26
C CYS A 325 -10.47 -15.31 -15.11
N GLN A 326 -10.61 -16.57 -15.52
CA GLN A 326 -9.55 -17.26 -16.27
CA GLN A 326 -9.54 -17.26 -16.26
C GLN A 326 -9.00 -16.46 -17.46
N PRO A 327 -9.90 -15.89 -18.31
CA PRO A 327 -9.35 -15.13 -19.43
C PRO A 327 -8.62 -13.84 -19.04
N LEU A 328 -8.81 -13.36 -17.81
CA LEU A 328 -8.24 -12.07 -17.39
C LEU A 328 -6.92 -12.24 -16.61
N LEU A 329 -6.48 -13.48 -16.41
CA LEU A 329 -5.30 -13.73 -15.57
C LEU A 329 -4.02 -13.44 -16.33
N ASP A 330 -4.10 -13.47 -17.66
CA ASP A 330 -2.93 -13.21 -18.50
C ASP A 330 -3.18 -12.04 -19.45
N ILE A 331 -2.32 -11.04 -19.37
CA ILE A 331 -2.52 -9.79 -20.11
C ILE A 331 -2.52 -10.02 -21.62
N SER A 332 -1.91 -11.11 -22.06
CA SER A 332 -1.88 -11.45 -23.49
C SER A 332 -3.22 -12.02 -23.99
N GLN A 333 -4.10 -12.36 -23.06
CA GLN A 333 -5.42 -12.85 -23.46
C GLN A 333 -6.52 -11.81 -23.30
N TRP A 334 -6.15 -10.61 -22.85
CA TRP A 334 -7.15 -9.55 -22.65
C TRP A 334 -7.76 -9.12 -23.98
N SER A 335 -9.07 -8.90 -24.00
CA SER A 335 -9.74 -8.37 -25.19
C SER A 335 -9.25 -6.94 -25.44
N ASP A 336 -9.43 -6.45 -26.67
CA ASP A 336 -9.11 -5.05 -26.97
C ASP A 336 -9.96 -4.11 -26.13
N GLU A 337 -11.20 -4.52 -25.84
CA GLU A 337 -12.07 -3.70 -25.01
C GLU A 337 -11.52 -3.58 -23.58
N HIS A 338 -10.97 -4.66 -23.04
CA HIS A 338 -10.52 -4.60 -21.65
C HIS A 338 -9.23 -3.79 -21.53
N LYS A 339 -8.41 -3.83 -22.58
CA LYS A 339 -7.20 -3.00 -22.63
C LYS A 339 -7.55 -1.52 -22.71
N THR A 340 -8.53 -1.20 -23.54
CA THR A 340 -9.01 0.17 -23.66
C THR A 340 -9.63 0.67 -22.36
N ASP A 341 -10.52 -0.13 -21.76
CA ASP A 341 -11.12 0.23 -20.47
C ASP A 341 -10.04 0.49 -19.43
N THR A 342 -9.01 -0.35 -19.44
CA THR A 342 -7.93 -0.24 -18.44
C THR A 342 -7.17 1.05 -18.65
N ARG A 343 -6.84 1.35 -19.91
CA ARG A 343 -6.11 2.58 -20.19
C ARG A 343 -6.94 3.82 -19.77
N ARG A 344 -8.25 3.81 -20.05
CA ARG A 344 -9.09 4.95 -19.65
C ARG A 344 -9.12 5.12 -18.15
N TYR A 345 -9.21 3.99 -17.45
CA TYR A 345 -9.35 4.00 -16.00
C TYR A 345 -8.07 4.52 -15.37
N ILE A 346 -6.94 4.06 -15.89
CA ILE A 346 -5.67 4.55 -15.39
C ILE A 346 -5.54 6.05 -15.59
N GLU A 347 -5.82 6.52 -16.80
CA GLU A 347 -5.68 7.97 -17.07
C GLU A 347 -6.60 8.83 -16.22
N ALA A 348 -7.83 8.39 -16.00
CA ALA A 348 -8.75 9.17 -15.17
C ALA A 348 -8.23 9.27 -13.72
N GLN A 349 -7.71 8.16 -13.20
CA GLN A 349 -7.17 8.17 -11.85
C GLN A 349 -5.95 9.07 -11.76
N LEU A 350 -5.05 8.97 -12.73
CA LEU A 350 -3.88 9.86 -12.75
C LEU A 350 -4.29 11.34 -12.72
N ASP A 351 -5.29 11.71 -13.54
CA ASP A 351 -5.74 13.10 -13.56
C ASP A 351 -6.31 13.50 -12.20
N ALA A 352 -7.14 12.64 -11.63
CA ALA A 352 -7.75 12.96 -10.33
C ALA A 352 -6.69 13.11 -9.23
N PHE A 353 -5.66 12.25 -9.25
CA PHE A 353 -4.69 12.27 -8.17
C PHE A 353 -3.67 13.40 -8.31
N GLU A 354 -3.32 13.74 -9.54
CA GLU A 354 -2.45 14.88 -9.77
C GLU A 354 -3.15 16.19 -9.49
N TYR A 355 -4.48 16.13 -9.37
CA TYR A 355 -5.25 17.33 -9.04
C TYR A 355 -4.96 17.76 -7.59
N THR A 356 -4.52 16.83 -6.75
CA THR A 356 -3.98 17.22 -5.43
C THR A 356 -2.50 16.85 -5.29
N GLY A 357 -2.15 16.04 -4.30
CA GLY A 357 -0.74 15.84 -4.02
C GLY A 357 0.01 14.83 -4.87
N GLY A 358 -0.70 14.06 -5.70
CA GLY A 358 -0.04 13.03 -6.49
C GLY A 358 -0.48 11.62 -6.16
N TRP A 359 0.31 10.63 -6.59
CA TRP A 359 -0.17 9.25 -6.57
C TRP A 359 0.96 8.26 -6.40
N VAL A 360 0.63 7.11 -5.81
CA VAL A 360 1.62 6.05 -5.56
C VAL A 360 0.97 4.70 -5.91
N PHE A 361 1.33 4.15 -7.05
CA PHE A 361 0.61 2.99 -7.60
C PHE A 361 0.95 1.73 -6.81
N TRP A 362 -0.05 0.89 -6.52
CA TRP A 362 0.22 -0.42 -5.90
C TRP A 362 0.15 -1.49 -6.99
N SER A 363 1.28 -2.09 -7.41
CA SER A 363 2.61 -1.91 -6.80
C SER A 363 3.64 -1.94 -7.94
N TRP A 364 4.93 -1.78 -7.62
CA TRP A 364 5.96 -1.81 -8.67
C TRP A 364 5.93 -3.11 -9.47
N LYS A 365 5.84 -4.24 -8.77
CA LYS A 365 5.86 -5.53 -9.46
C LYS A 365 5.07 -6.60 -8.72
N THR A 366 4.58 -7.59 -9.45
CA THR A 366 4.02 -8.81 -8.86
C THR A 366 4.60 -9.95 -9.67
N GLU A 367 4.50 -11.17 -9.17
CA GLU A 367 5.00 -12.31 -9.94
C GLU A 367 4.17 -12.49 -11.23
N ASN A 368 2.86 -12.48 -11.08
CA ASN A 368 2.02 -12.77 -12.25
C ASN A 368 0.63 -12.17 -12.19
N ALA A 369 0.50 -11.03 -11.51
CA ALA A 369 -0.81 -10.35 -11.44
C ALA A 369 -0.68 -9.00 -12.12
N PRO A 370 -1.07 -8.93 -13.40
CA PRO A 370 -0.84 -7.74 -14.24
C PRO A 370 -1.61 -6.49 -13.84
N GLU A 371 -2.81 -6.61 -13.26
CA GLU A 371 -3.58 -5.43 -12.88
C GLU A 371 -2.88 -4.64 -11.77
N TRP A 372 -1.96 -5.29 -11.07
CA TRP A 372 -1.34 -4.76 -9.86
C TRP A 372 0.17 -4.55 -10.04
N SER A 373 0.62 -4.54 -11.29
CA SER A 373 2.06 -4.42 -11.56
C SER A 373 2.37 -3.23 -12.47
N PHE A 374 3.03 -2.21 -11.93
CA PHE A 374 3.38 -1.03 -12.73
C PHE A 374 4.25 -1.44 -13.93
N GLN A 375 5.19 -2.36 -13.72
CA GLN A 375 6.07 -2.82 -14.79
C GLN A 375 5.30 -3.45 -15.95
N THR A 376 4.43 -4.41 -15.62
CA THR A 376 3.69 -5.13 -16.65
C THR A 376 2.76 -4.22 -17.45
N LEU A 377 2.08 -3.31 -16.76
CA LEU A 377 1.18 -2.39 -17.45
C LEU A 377 1.95 -1.44 -18.35
N THR A 378 3.11 -0.98 -17.89
CA THR A 378 3.94 -0.07 -18.67
C THR A 378 4.48 -0.76 -19.93
N TYR A 379 5.03 -1.96 -19.76
CA TYR A 379 5.59 -2.69 -20.90
C TYR A 379 4.54 -3.01 -21.95
N ASN A 380 3.29 -3.18 -21.51
CA ASN A 380 2.21 -3.52 -22.43
C ASN A 380 1.45 -2.30 -22.94
N GLY A 381 1.99 -1.12 -22.64
CA GLY A 381 1.46 0.12 -23.19
C GLY A 381 0.14 0.56 -22.58
N LEU A 382 -0.23 -0.01 -21.44
CA LEU A 382 -1.49 0.35 -20.78
C LEU A 382 -1.29 1.47 -19.76
N PHE A 383 -0.11 1.54 -19.17
CA PHE A 383 0.21 2.67 -18.31
C PHE A 383 0.96 3.68 -19.15
N PRO A 384 0.48 4.94 -19.15
CA PRO A 384 1.10 6.00 -19.95
C PRO A 384 2.61 6.07 -19.74
N GLN A 385 3.37 6.12 -20.83
CA GLN A 385 4.80 6.35 -20.75
C GLN A 385 5.16 7.27 -21.91
N PRO A 386 5.62 8.51 -21.61
CA PRO A 386 5.79 9.12 -20.28
C PRO A 386 4.46 9.26 -19.54
N VAL A 387 4.52 9.41 -18.24
CA VAL A 387 3.30 9.29 -17.44
C VAL A 387 2.31 10.42 -17.68
N THR A 388 2.73 11.45 -18.41
CA THR A 388 1.85 12.56 -18.78
C THR A 388 1.08 12.34 -20.09
N ASP A 389 1.45 11.29 -20.82
CA ASP A 389 0.80 10.95 -22.09
C ASP A 389 -0.67 10.63 -21.85
N ARG A 390 -1.56 11.11 -22.73
CA ARG A 390 -2.99 10.77 -22.61
C ARG A 390 -3.58 10.35 -23.94
N GLN A 391 -4.14 9.15 -23.99
CA GLN A 391 -4.92 8.73 -25.16
C GLN A 391 -6.36 9.18 -24.99
N PHE A 392 -6.75 9.48 -23.76
CA PHE A 392 -8.12 9.92 -23.45
C PHE A 392 -8.03 11.18 -22.61
N PRO A 393 -7.63 12.30 -23.23
CA PRO A 393 -7.43 13.53 -22.46
C PRO A 393 -8.70 14.08 -21.84
N ASN A 394 -8.55 14.65 -20.65
CA ASN A 394 -9.60 15.42 -20.00
C ASN A 394 -10.93 14.72 -19.81
N GLN A 395 -10.91 13.50 -19.28
CA GLN A 395 -12.14 12.80 -18.98
C GLN A 395 -12.91 13.40 -17.80
N CYS A 396 -12.22 14.12 -16.93
CA CYS A 396 -12.85 14.61 -15.70
C CYS A 396 -13.23 16.09 -15.75
N GLY A 397 -12.54 16.89 -16.55
CA GLY A 397 -12.88 18.31 -16.66
C GLY A 397 -12.49 19.14 -15.44
N PHE A 398 -11.34 18.85 -14.84
CA PHE A 398 -10.87 19.62 -13.70
C PHE A 398 -10.52 21.05 -14.12
N HIS A 399 -10.67 22.00 -13.20
CA HIS A 399 -10.22 23.38 -13.44
C HIS A 399 -9.68 24.01 -12.16
#